data_5VMY
#
_entry.id   5VMY
#
_cell.length_a   44.276
_cell.length_b   183.605
_cell.length_c   105.033
_cell.angle_alpha   90.00
_cell.angle_beta   90.00
_cell.angle_gamma   90.00
#
_symmetry.space_group_name_H-M   'C 2 2 2'
#
loop_
_entity.id
_entity.type
_entity.pdbx_description
1 polymer 'Transcriptional regulator Kaiso'
2 polymer "DNA (5'-D(*TP*GP*CP*TP*TP*CP*CP*(5CM)P*GP*(5CM)P*GP*AP*AP*TP*AP*AP*CP*G)-3')"
3 polymer "DNA (5'-D(*CP*GP*TP*TP*AP*TP*TP*CP*GP*CP*GP*GP*GP*AP*AP*GP*CP*A)-3')"
4 non-polymer 'ZINC ION'
5 non-polymer 'CHLORIDE ION'
6 water water
#
loop_
_entity_poly.entity_id
_entity_poly.type
_entity_poly.pdbx_seq_one_letter_code
_entity_poly.pdbx_strand_id
1 'polypeptide(L)'
;MANKRMKVKHDDHYELIVDGRVYYICIVCKRSYVCLTSLRRHFNIHSWEKKYPCRYCEKVFPLAEYRTKHEIHHTGERRY
QCLACGKSFINYQFMSSHIKSVHSQDPSGDSKLYRLHPCRSLQIRQYAYLSDRS
;
A
2 'polydeoxyribonucleotide' (DT)(DG)(DC)(DT)(DT)(DC)(DC)(5CM)(DG)(5CM)(DG)(DA)(DA)(DT)(DA)(DA)(DC)(DG) D
3 'polydeoxyribonucleotide' (DC)(DG)(DT)(DT)(DA)(DT)(DT)(DC)(DG)(DC)(DG)(DG)(DG)(DA)(DA)(DG)(DC)(DA) E
#
# COMPACT_ATOMS: atom_id res chain seq x y z
N ASP A 11 3.63 -24.54 13.74
CA ASP A 11 3.17 -23.64 12.69
C ASP A 11 3.65 -22.21 12.94
N ASP A 12 2.86 -21.23 12.52
CA ASP A 12 3.25 -19.84 12.72
C ASP A 12 2.14 -19.03 13.37
N HIS A 13 1.03 -19.68 13.70
CA HIS A 13 -0.10 -18.97 14.29
C HIS A 13 -0.96 -19.87 15.15
N TYR A 14 -1.90 -19.27 15.86
CA TYR A 14 -2.99 -20.04 16.44
C TYR A 14 -4.29 -19.29 16.16
N GLU A 15 -5.42 -19.91 16.43
CA GLU A 15 -6.69 -19.26 16.09
C GLU A 15 -7.49 -18.92 17.34
N LEU A 16 -8.16 -17.78 17.27
CA LEU A 16 -9.00 -17.31 18.35
C LEU A 16 -10.38 -17.11 17.76
N ILE A 17 -11.41 -17.53 18.47
CA ILE A 17 -12.76 -17.36 17.93
C ILE A 17 -13.66 -16.69 18.94
N VAL A 18 -14.08 -15.47 18.60
CA VAL A 18 -15.06 -14.75 19.40
C VAL A 18 -16.28 -14.44 18.56
N ASP A 19 -17.45 -14.66 19.13
CA ASP A 19 -18.72 -14.36 18.48
C ASP A 19 -18.85 -15.05 17.12
N GLY A 20 -18.24 -16.23 17.01
CA GLY A 20 -18.27 -16.98 15.77
C GLY A 20 -17.35 -16.40 14.73
N ARG A 21 -16.61 -15.34 15.09
CA ARG A 21 -15.69 -14.73 14.14
C ARG A 21 -14.26 -15.16 14.47
N VAL A 22 -13.55 -15.61 13.44
CA VAL A 22 -12.22 -16.19 13.60
C VAL A 22 -11.10 -15.19 13.41
N TYR A 23 -10.16 -15.18 14.34
CA TYR A 23 -8.94 -14.38 14.16
C TYR A 23 -7.73 -15.29 14.15
N TYR A 24 -6.74 -14.92 13.36
CA TYR A 24 -5.48 -15.64 13.31
C TYR A 24 -4.41 -14.81 14.02
N ILE A 25 -3.78 -15.41 15.02
CA ILE A 25 -2.85 -14.70 15.89
C ILE A 25 -1.42 -15.13 15.64
N CYS A 26 -0.56 -14.16 15.38
CA CYS A 26 0.85 -14.42 15.17
C CYS A 26 1.47 -14.99 16.44
N ILE A 27 2.08 -16.17 16.34
CA ILE A 27 2.62 -16.82 17.52
C ILE A 27 3.79 -16.00 18.08
N VAL A 28 4.42 -15.17 17.26
CA VAL A 28 5.57 -14.41 17.75
C VAL A 28 5.16 -13.13 18.50
N CYS A 29 4.45 -12.21 17.83
CA CYS A 29 4.11 -10.94 18.45
C CYS A 29 2.64 -10.80 18.89
N LYS A 30 1.85 -11.86 18.65
CA LYS A 30 0.44 -11.90 19.00
C LYS A 30 -0.43 -10.87 18.26
N ARG A 31 -0.03 -10.47 17.07
CA ARG A 31 -0.90 -9.60 16.28
C ARG A 31 -2.06 -10.41 15.73
N SER A 32 -3.24 -9.82 15.66
CA SER A 32 -4.42 -10.52 15.17
C SER A 32 -4.77 -10.15 13.73
N TYR A 33 -5.19 -11.17 12.96
CA TYR A 33 -5.51 -10.98 11.56
C TYR A 33 -6.84 -11.63 11.23
N VAL A 34 -7.63 -10.92 10.45
CA VAL A 34 -8.90 -11.43 9.94
C VAL A 34 -8.63 -12.44 8.82
N CYS A 35 -7.56 -12.19 8.05
CA CYS A 35 -7.22 -13.04 6.92
C CYS A 35 -5.91 -13.79 7.16
N LEU A 36 -5.93 -15.10 6.94
CA LEU A 36 -4.73 -15.91 7.07
C LEU A 36 -3.61 -15.45 6.13
N THR A 37 -3.96 -14.97 4.95
CA THR A 37 -2.96 -14.49 4.00
C THR A 37 -2.24 -13.28 4.56
N SER A 38 -2.95 -12.47 5.34
CA SER A 38 -2.34 -11.32 6.02
C SER A 38 -1.36 -11.73 7.11
N LEU A 39 -1.70 -12.77 7.87
CA LEU A 39 -0.76 -13.24 8.88
C LEU A 39 0.51 -13.71 8.18
N ARG A 40 0.33 -14.46 7.10
CA ARG A 40 1.47 -15.00 6.37
C ARG A 40 2.35 -13.86 5.83
N ARG A 41 1.72 -12.87 5.24
CA ARG A 41 2.44 -11.70 4.72
C ARG A 41 3.23 -11.03 5.84
N HIS A 42 2.57 -10.84 6.97
CA HIS A 42 3.18 -10.24 8.13
C HIS A 42 4.33 -11.09 8.68
N PHE A 43 4.15 -12.40 8.70
CA PHE A 43 5.07 -13.26 9.44
C PHE A 43 6.49 -13.22 8.87
N ASN A 44 6.61 -12.85 7.59
CA ASN A 44 7.93 -12.78 6.95
C ASN A 44 8.85 -11.79 7.65
N ILE A 45 8.26 -10.78 8.29
CA ILE A 45 9.01 -9.83 9.11
C ILE A 45 9.79 -10.54 10.23
N HIS A 46 9.20 -11.61 10.77
CA HIS A 46 9.87 -12.40 11.80
C HIS A 46 10.87 -13.41 11.22
N SER A 47 10.47 -14.11 10.16
CA SER A 47 11.24 -15.25 9.66
C SER A 47 12.31 -14.85 8.65
N TRP A 48 12.04 -13.78 7.90
CA TRP A 48 12.85 -13.38 6.75
C TRP A 48 13.07 -14.54 5.79
N GLU A 49 12.07 -15.42 5.73
CA GLU A 49 12.03 -16.55 4.81
C GLU A 49 12.23 -16.09 3.38
N LYS A 50 11.46 -15.07 3.01
CA LYS A 50 11.57 -14.44 1.71
C LYS A 50 12.21 -13.06 1.86
N LYS A 51 13.00 -12.67 0.86
CA LYS A 51 13.62 -11.36 0.88
C LYS A 51 13.27 -10.59 -0.38
N TYR A 52 12.99 -9.31 -0.22
CA TYR A 52 12.67 -8.44 -1.35
C TYR A 52 13.68 -7.30 -1.45
N PRO A 53 14.80 -7.56 -2.13
CA PRO A 53 15.87 -6.55 -2.24
C PRO A 53 15.56 -5.47 -3.27
N CYS A 54 15.87 -4.20 -2.95
CA CYS A 54 15.70 -3.10 -3.90
C CYS A 54 16.61 -3.37 -5.08
N ARG A 55 16.11 -3.14 -6.29
CA ARG A 55 16.96 -3.44 -7.43
C ARG A 55 17.75 -2.22 -7.92
N TYR A 56 17.76 -1.17 -7.12
CA TYR A 56 18.56 0.04 -7.43
C TYR A 56 19.56 0.36 -6.33
N CYS A 57 19.38 -0.20 -5.15
CA CYS A 57 20.34 0.01 -4.07
C CYS A 57 20.43 -1.21 -3.17
N GLU A 58 21.12 -1.05 -2.04
CA GLU A 58 21.41 -2.16 -1.12
C GLU A 58 20.21 -2.66 -0.33
N LYS A 59 19.20 -1.80 -0.14
CA LYS A 59 18.12 -2.08 0.81
C LYS A 59 17.36 -3.38 0.53
N VAL A 60 16.90 -4.03 1.60
CA VAL A 60 16.13 -5.26 1.47
C VAL A 60 14.91 -5.21 2.38
N PHE A 61 13.75 -5.58 1.84
CA PHE A 61 12.47 -5.45 2.55
C PHE A 61 11.80 -6.79 2.84
N PRO A 62 10.97 -6.86 3.92
CA PRO A 62 10.25 -8.09 4.30
C PRO A 62 8.89 -8.26 3.62
N LEU A 63 8.41 -7.21 2.95
CA LEU A 63 7.17 -7.25 2.18
C LEU A 63 7.42 -6.76 0.76
N ALA A 64 6.81 -7.42 -0.21
CA ALA A 64 6.94 -7.05 -1.61
C ALA A 64 6.50 -5.61 -1.84
N GLU A 65 5.40 -5.20 -1.20
CA GLU A 65 4.86 -3.86 -1.46
C GLU A 65 5.76 -2.77 -0.88
N TYR A 66 6.52 -3.09 0.18
CA TYR A 66 7.43 -2.10 0.76
C TYR A 66 8.56 -1.83 -0.22
N ARG A 67 9.05 -2.90 -0.82
CA ARG A 67 10.04 -2.73 -1.86
C ARG A 67 9.51 -1.89 -3.03
N THR A 68 8.30 -2.17 -3.50
CA THR A 68 7.77 -1.48 -4.66
C THR A 68 7.63 0.01 -4.40
N LYS A 69 7.06 0.38 -3.26
CA LYS A 69 6.92 1.80 -2.94
C LYS A 69 8.29 2.47 -2.82
N HIS A 70 9.27 1.73 -2.33
CA HIS A 70 10.63 2.24 -2.25
C HIS A 70 11.24 2.46 -3.63
N GLU A 71 11.00 1.52 -4.55
CA GLU A 71 11.62 1.61 -5.87
C GLU A 71 11.05 2.76 -6.67
N ILE A 72 9.79 3.10 -6.41
CA ILE A 72 9.20 4.27 -7.07
C ILE A 72 9.94 5.56 -6.67
N HIS A 73 10.46 5.62 -5.44
CA HIS A 73 11.31 6.75 -5.06
C HIS A 73 12.56 6.88 -5.93
N HIS A 74 13.12 5.75 -6.35
CA HIS A 74 14.27 5.77 -7.25
C HIS A 74 13.95 6.36 -8.64
N THR A 75 12.79 6.00 -9.21
CA THR A 75 12.48 6.44 -10.57
C THR A 75 11.98 7.88 -10.58
N GLY A 76 11.34 8.30 -9.49
CA GLY A 76 10.82 9.64 -9.40
C GLY A 76 9.47 9.79 -10.07
N GLU A 77 8.89 8.67 -10.48
CA GLU A 77 7.56 8.70 -11.12
C GLU A 77 6.50 9.29 -10.19
N ARG A 78 5.63 10.15 -10.72
CA ARG A 78 4.56 10.75 -9.93
C ARG A 78 3.18 10.27 -10.40
N ARG A 79 2.73 9.16 -9.84
CA ARG A 79 1.52 8.50 -10.34
C ARG A 79 0.21 9.12 -9.88
N TYR A 80 0.24 9.88 -8.78
CA TYR A 80 -1.00 10.44 -8.21
C TYR A 80 -1.27 11.86 -8.70
N GLN A 81 -2.37 12.06 -9.41
CA GLN A 81 -2.59 13.41 -9.93
C GLN A 81 -3.85 14.05 -9.38
N CYS A 82 -3.69 15.26 -8.85
CA CYS A 82 -4.82 16.07 -8.39
C CYS A 82 -5.64 16.56 -9.58
N LEU A 83 -6.94 16.25 -9.57
CA LEU A 83 -7.78 16.60 -10.71
C LEU A 83 -8.31 18.03 -10.61
N ALA A 84 -8.07 18.70 -9.48
CA ALA A 84 -8.52 20.07 -9.34
C ALA A 84 -7.54 21.07 -9.94
N CYS A 85 -6.24 20.77 -9.89
CA CYS A 85 -5.23 21.72 -10.40
C CYS A 85 -4.14 21.06 -11.28
N GLY A 86 -4.13 19.73 -11.32
CA GLY A 86 -3.23 18.99 -12.19
C GLY A 86 -1.90 18.58 -11.60
N LYS A 87 -1.57 19.10 -10.43
CA LYS A 87 -0.30 18.75 -9.76
C LYS A 87 -0.23 17.28 -9.51
N SER A 88 0.95 16.68 -9.65
CA SER A 88 1.13 15.24 -9.41
C SER A 88 2.07 14.95 -8.24
N PHE A 89 1.92 13.77 -7.65
CA PHE A 89 2.55 13.42 -6.38
C PHE A 89 3.04 11.97 -6.42
N ILE A 90 4.07 11.67 -5.64
CA ILE A 90 4.63 10.32 -5.67
C ILE A 90 3.77 9.28 -4.95
N ASN A 91 2.97 9.70 -3.97
CA ASN A 91 2.12 8.73 -3.27
C ASN A 91 0.78 9.32 -2.84
N TYR A 92 -0.06 8.48 -2.25
CA TYR A 92 -1.39 8.87 -1.80
C TYR A 92 -1.31 9.95 -0.74
N GLN A 93 -0.37 9.77 0.17
CA GLN A 93 -0.28 10.67 1.32
C GLN A 93 0.00 12.11 0.93
N PHE A 94 0.94 12.34 0.02
CA PHE A 94 1.22 13.70 -0.44
C PHE A 94 0.08 14.26 -1.24
N MET A 95 -0.54 13.41 -2.06
CA MET A 95 -1.73 13.80 -2.82
C MET A 95 -2.83 14.21 -1.85
N SER A 96 -3.08 13.37 -0.84
CA SER A 96 -4.20 13.64 0.06
C SER A 96 -3.96 14.92 0.86
N SER A 97 -2.74 15.09 1.33
CA SER A 97 -2.32 16.26 2.07
C SER A 97 -2.51 17.55 1.24
N HIS A 98 -2.12 17.48 -0.03
CA HIS A 98 -2.31 18.61 -0.96
C HIS A 98 -3.78 18.96 -1.10
N ILE A 99 -4.59 17.96 -1.40
CA ILE A 99 -6.00 18.20 -1.69
C ILE A 99 -6.72 18.75 -0.47
N LYS A 100 -6.38 18.25 0.72
CA LYS A 100 -7.03 18.76 1.92
C LYS A 100 -6.57 20.18 2.23
N SER A 101 -5.29 20.49 2.04
CA SER A 101 -4.81 21.80 2.46
C SER A 101 -5.05 22.89 1.41
N VAL A 102 -4.90 22.53 0.15
CA VAL A 102 -5.03 23.51 -0.92
C VAL A 102 -6.47 23.63 -1.38
N HIS A 103 -7.17 22.51 -1.50
CA HIS A 103 -8.53 22.53 -2.07
C HIS A 103 -9.63 22.35 -1.01
N SER A 104 -9.23 22.16 0.25
CA SER A 104 -10.17 21.94 1.35
C SER A 104 -11.21 20.88 0.99
N GLN A 105 -10.75 19.72 0.54
CA GLN A 105 -11.64 18.65 0.13
C GLN A 105 -11.01 17.34 0.59
N ASP A 106 -11.81 16.31 0.77
CA ASP A 106 -11.28 15.00 1.21
C ASP A 106 -11.35 13.96 0.09
N PRO A 107 -10.19 13.45 -0.35
CA PRO A 107 -10.25 12.45 -1.43
C PRO A 107 -10.80 11.06 -1.04
N SER A 108 -11.07 10.86 0.25
N SER A 108 -11.01 10.80 0.24
CA SER A 108 -11.67 9.61 0.76
CA SER A 108 -11.57 9.51 0.63
C SER A 108 -13.05 9.27 0.20
C SER A 108 -13.04 9.41 0.20
N GLY A 109 -13.47 8.02 0.39
N GLY A 109 -13.91 10.12 0.90
CA GLY A 109 -14.66 7.47 -0.25
CA GLY A 109 -15.35 9.98 0.70
C GLY A 109 -14.33 7.22 -1.70
C GLY A 109 -16.00 10.49 -0.58
N ASP A 110 -15.30 7.41 -2.59
N ASP A 110 -16.63 9.57 -1.30
CA ASP A 110 -14.94 7.64 -3.98
CA ASP A 110 -17.62 9.83 -2.35
C ASP A 110 -15.09 9.12 -4.22
C ASP A 110 -17.35 11.01 -3.29
N SER A 111 -13.96 9.82 -4.26
N SER A 111 -16.26 10.90 -4.06
CA SER A 111 -13.96 11.27 -4.38
CA SER A 111 -15.93 11.83 -5.16
C SER A 111 -14.08 11.72 -5.82
C SER A 111 -14.61 11.40 -5.80
N LYS A 112 -13.34 11.04 -6.69
N LYS A 112 -14.38 11.84 -7.03
CA LYS A 112 -13.03 11.50 -8.03
CA LYS A 112 -13.14 11.50 -7.75
C LYS A 112 -12.19 12.79 -7.97
C LYS A 112 -12.27 12.74 -7.90
N LEU A 113 -11.48 13.00 -6.87
CA LEU A 113 -10.60 14.18 -6.78
C LEU A 113 -9.19 13.92 -7.29
N TYR A 114 -8.81 12.64 -7.44
CA TYR A 114 -7.49 12.33 -7.96
C TYR A 114 -7.56 11.19 -8.94
N ARG A 115 -6.53 11.09 -9.76
CA ARG A 115 -6.34 9.99 -10.67
C ARG A 115 -5.05 9.29 -10.28
N LEU A 116 -5.12 7.97 -10.17
CA LEU A 116 -3.92 7.15 -10.02
C LEU A 116 -3.55 6.63 -11.40
N HIS A 117 -2.47 7.14 -11.97
CA HIS A 117 -1.98 6.61 -13.22
C HIS A 117 -1.37 5.20 -13.04
N PRO A 118 -1.45 4.36 -14.09
CA PRO A 118 -0.67 3.12 -14.11
C PRO A 118 0.82 3.42 -13.88
N CYS A 119 1.51 2.45 -13.31
CA CYS A 119 2.96 2.56 -13.12
C CYS A 119 3.69 2.26 -14.43
N ARG A 120 4.45 3.23 -14.95
CA ARG A 120 5.17 3.02 -16.19
C ARG A 120 6.69 3.00 -16.01
N SER A 121 7.16 3.44 -14.85
CA SER A 121 8.61 3.57 -14.65
C SER A 121 9.19 2.24 -14.19
N LEU A 122 8.30 1.38 -13.69
CA LEU A 122 8.67 0.06 -13.18
C LEU A 122 7.80 -0.99 -13.83
N GLN A 123 8.27 -2.23 -13.78
CA GLN A 123 7.48 -3.35 -14.22
C GLN A 123 6.75 -3.95 -13.01
N ILE A 124 5.54 -3.50 -12.72
CA ILE A 124 4.72 -4.17 -11.70
C ILE A 124 3.39 -4.59 -12.28
N ARG A 125 2.67 -5.41 -11.52
CA ARG A 125 1.34 -5.87 -11.92
C ARG A 125 0.42 -4.69 -12.17
N GLN A 126 -0.28 -4.72 -13.30
CA GLN A 126 -1.13 -3.61 -13.70
C GLN A 126 -2.60 -3.94 -13.53
N TYR A 127 -3.31 -3.17 -12.72
CA TYR A 127 -4.76 -3.35 -12.60
C TYR A 127 -5.44 -2.68 -13.80
N ALA A 128 -6.32 -3.41 -14.46
CA ALA A 128 -7.04 -2.90 -15.63
C ALA A 128 -7.77 -1.60 -15.35
N TYR A 129 -8.31 -1.45 -14.15
CA TYR A 129 -9.16 -0.29 -13.85
C TYR A 129 -8.40 1.04 -13.92
N LEU A 130 -7.07 1.03 -13.91
CA LEU A 130 -6.33 2.29 -14.03
C LEU A 130 -6.16 2.77 -15.48
N SER A 131 -6.41 1.89 -16.44
CA SER A 131 -6.25 2.26 -17.84
C SER A 131 -7.50 2.92 -18.40
#